data_7V1O
#
_entry.id   7V1O
#
_cell.length_a   116.440
_cell.length_b   116.440
_cell.length_c   203.310
_cell.angle_alpha   90.00
_cell.angle_beta   90.00
_cell.angle_gamma   120.00
#
_symmetry.space_group_name_H-M   'P 64 2 2'
#
loop_
_entity.id
_entity.type
_entity.pdbx_description
1 polymer 'Amine sulfotransferase'
2 non-polymer naphthalen-1-amine
3 non-polymer "ADENOSINE-3'-5'-DIPHOSPHATE"
4 water water
#
_entity_poly.entity_id   1
_entity_poly.type   'polypeptide(L)'
_entity_poly.pdbx_seq_one_letter_code
;MDNKDEYLLNFKGYNFQKTLVKMEVVENIENYEIRDDDIFIVTYPKSGTIWTQQILSLIYFEGHRNRTENIETIDRAPFF
EYNIHKLDYAKMPSPRIFSSHIPYYLVPKGLKDKKAKILYIYRNPKDVLISYFHFSNLMLIFQNPDTVESFMQTFLDGDV
VGSLWFDHIRGWYEHRHDFNIMFMSFEDMKKDLRSSVLKICSFLEKELSEEDVDAVVRQATFQKMKADPRANYEHIIKDE
LGTRNEMGSFLRKGVVGAWKHYLTVDQSERFDKIFHRNMKNIPLKFIWDINEE
;
_entity_poly.pdbx_strand_id   A,B
#
# COMPACT_ATOMS: atom_id res chain seq x y z
N ASN A 3 0.65 -18.54 36.84
CA ASN A 3 1.90 -18.89 36.20
C ASN A 3 2.18 -17.96 35.03
N LYS A 4 1.09 -17.53 34.37
CA LYS A 4 1.20 -16.76 33.14
C LYS A 4 0.89 -15.28 33.30
N ASP A 5 0.37 -14.87 34.46
CA ASP A 5 0.13 -13.45 34.69
C ASP A 5 1.44 -12.68 34.78
N GLU A 6 2.46 -13.27 35.41
CA GLU A 6 3.71 -12.58 35.66
C GLU A 6 4.55 -12.36 34.41
N TYR A 7 4.10 -12.80 33.24
CA TYR A 7 4.82 -12.57 32.00
C TYR A 7 4.16 -11.54 31.09
N LEU A 8 2.83 -11.45 31.11
CA LEU A 8 2.08 -10.59 30.21
C LEU A 8 1.35 -9.50 30.99
N LEU A 9 1.37 -8.29 30.46
CA LEU A 9 0.60 -7.17 31.00
C LEU A 9 -0.44 -6.79 29.95
N ASN A 10 -1.71 -7.03 30.26
CA ASN A 10 -2.74 -6.74 29.29
C ASN A 10 -3.23 -5.30 29.42
N PHE A 11 -3.41 -4.66 28.26
CA PHE A 11 -3.85 -3.27 28.18
C PHE A 11 -4.72 -3.18 26.93
N LYS A 12 -6.01 -2.89 27.14
CA LYS A 12 -6.95 -2.71 26.02
C LYS A 12 -6.86 -3.87 25.02
N GLY A 13 -6.74 -5.09 25.53
CA GLY A 13 -6.71 -6.26 24.70
C GLY A 13 -5.41 -6.51 23.96
N TYR A 14 -4.29 -5.98 24.47
CA TYR A 14 -2.97 -6.23 23.89
C TYR A 14 -2.03 -6.65 25.02
N ASN A 15 -1.06 -7.50 24.68
CA ASN A 15 -0.13 -8.06 25.66
C ASN A 15 1.23 -7.39 25.55
N PHE A 16 1.58 -6.58 26.54
CA PHE A 16 2.94 -6.09 26.73
C PHE A 16 3.76 -7.08 27.53
N GLN A 17 5.07 -6.96 27.42
CA GLN A 17 5.98 -7.71 28.29
C GLN A 17 5.99 -7.04 29.65
N LYS A 18 5.56 -7.78 30.67
CA LYS A 18 5.28 -7.18 31.97
C LYS A 18 6.55 -6.65 32.65
N THR A 19 7.66 -7.38 32.54
CA THR A 19 8.85 -6.98 33.30
C THR A 19 9.57 -5.79 32.69
N LEU A 20 9.30 -5.46 31.43
CA LEU A 20 10.05 -4.41 30.73
C LEU A 20 9.33 -3.08 30.65
N VAL A 21 8.00 -3.06 30.78
CA VAL A 21 7.25 -1.83 30.80
C VAL A 21 6.39 -1.80 32.06
N LYS A 22 6.11 -0.60 32.55
CA LYS A 22 5.19 -0.43 33.65
C LYS A 22 3.94 0.27 33.15
N MET A 23 2.82 -0.03 33.81
CA MET A 23 1.53 0.48 33.36
C MET A 23 1.49 2.00 33.31
N GLU A 24 2.34 2.69 34.07
CA GLU A 24 2.43 4.14 34.00
C GLU A 24 2.77 4.59 32.58
N VAL A 25 3.85 4.04 32.03
CA VAL A 25 4.29 4.43 30.69
C VAL A 25 3.27 3.99 29.64
N VAL A 26 2.65 2.83 29.84
CA VAL A 26 1.63 2.38 28.90
C VAL A 26 0.46 3.36 28.87
N GLU A 27 -0.07 3.72 30.04
CA GLU A 27 -1.16 4.69 30.09
C GLU A 27 -0.74 6.03 29.49
N ASN A 28 0.55 6.37 29.53
CA ASN A 28 1.03 7.62 28.96
C ASN A 28 1.24 7.57 27.45
N ILE A 29 1.04 6.43 26.80
CA ILE A 29 1.42 6.33 25.39
C ILE A 29 0.51 7.18 24.52
N GLU A 30 -0.75 7.34 24.90
CA GLU A 30 -1.71 7.99 24.02
C GLU A 30 -1.33 9.44 23.75
N ASN A 31 -0.84 10.14 24.77
CA ASN A 31 -0.52 11.56 24.68
C ASN A 31 0.97 11.81 24.57
N TYR A 32 1.71 10.93 23.91
CA TYR A 32 3.15 11.09 23.81
C TYR A 32 3.50 12.08 22.71
N GLU A 33 4.46 12.96 23.00
CA GLU A 33 4.87 13.97 22.03
C GLU A 33 5.54 13.31 20.85
N ILE A 34 4.98 13.53 19.66
CA ILE A 34 5.55 13.03 18.41
C ILE A 34 6.09 14.22 17.63
N ARG A 35 7.32 14.10 17.16
CA ARG A 35 7.92 15.13 16.34
C ARG A 35 7.68 14.81 14.86
N ASP A 36 7.65 15.87 14.04
CA ASP A 36 7.23 15.75 12.65
C ASP A 36 8.19 14.92 11.81
N ASP A 37 9.36 14.54 12.34
CA ASP A 37 10.31 13.73 11.58
C ASP A 37 10.64 12.42 12.28
N ASP A 38 9.88 12.07 13.31
CA ASP A 38 10.05 10.78 13.98
C ASP A 38 9.91 9.63 13.00
N ILE A 39 10.62 8.55 13.28
CA ILE A 39 10.57 7.32 12.49
C ILE A 39 10.26 6.17 13.43
N PHE A 40 9.33 5.31 13.03
CA PHE A 40 8.89 4.19 13.86
C PHE A 40 8.99 2.90 13.06
N ILE A 41 9.85 1.98 13.53
CA ILE A 41 9.87 0.60 13.04
C ILE A 41 8.81 -0.15 13.83
N VAL A 42 7.71 -0.53 13.17
CA VAL A 42 6.66 -1.32 13.80
C VAL A 42 6.74 -2.75 13.25
N THR A 43 6.81 -3.72 14.16
CA THR A 43 6.80 -5.13 13.80
C THR A 43 5.97 -5.93 14.78
N TYR A 44 5.48 -7.07 14.30
CA TYR A 44 5.16 -8.15 15.20
C TYR A 44 6.46 -8.84 15.60
N PRO A 45 6.59 -9.27 16.86
CA PRO A 45 7.85 -9.87 17.31
C PRO A 45 8.32 -10.97 16.38
N LYS A 46 9.65 -11.01 16.18
CA LYS A 46 10.35 -12.07 15.46
C LYS A 46 10.19 -11.97 13.95
N SER A 47 9.97 -10.75 13.44
CA SER A 47 9.74 -10.53 12.01
C SER A 47 10.86 -9.73 11.34
N GLY A 48 11.91 -9.39 12.07
CA GLY A 48 12.98 -8.59 11.49
C GLY A 48 13.15 -7.24 12.17
N THR A 49 12.80 -7.18 13.46
CA THR A 49 12.88 -5.92 14.19
C THR A 49 14.32 -5.40 14.27
N ILE A 50 15.22 -6.19 14.87
CA ILE A 50 16.57 -5.68 15.05
C ILE A 50 17.35 -5.65 13.74
N TRP A 51 16.99 -6.50 12.77
CA TRP A 51 17.55 -6.34 11.44
C TRP A 51 17.27 -4.95 10.91
N THR A 52 16.01 -4.50 11.01
CA THR A 52 15.65 -3.17 10.55
C THR A 52 16.28 -2.09 11.42
N GLN A 53 16.46 -2.35 12.72
CA GLN A 53 17.22 -1.42 13.55
C GLN A 53 18.61 -1.20 12.96
N GLN A 54 19.33 -2.30 12.72
CA GLN A 54 20.65 -2.21 12.10
C GLN A 54 20.61 -1.44 10.79
N ILE A 55 19.64 -1.74 9.93
CA ILE A 55 19.58 -1.11 8.61
C ILE A 55 19.39 0.40 8.74
N LEU A 56 18.42 0.82 9.56
CA LEU A 56 18.18 2.24 9.75
C LEU A 56 19.35 2.93 10.45
N SER A 57 20.04 2.24 11.36
CA SER A 57 21.21 2.81 12.00
C SER A 57 22.31 3.05 10.98
N LEU A 58 22.57 2.07 10.12
CA LEU A 58 23.54 2.23 9.05
C LEU A 58 23.18 3.40 8.14
N ILE A 59 21.88 3.59 7.89
CA ILE A 59 21.47 4.65 6.97
C ILE A 59 21.59 6.03 7.62
N TYR A 60 21.15 6.16 8.88
CA TYR A 60 20.95 7.47 9.48
C TYR A 60 22.13 7.96 10.33
N PHE A 61 23.01 7.09 10.77
CA PHE A 61 24.13 7.47 11.64
C PHE A 61 25.43 7.11 10.95
N GLU A 62 26.07 8.09 10.30
CA GLU A 62 27.27 7.82 9.53
C GLU A 62 28.44 7.35 10.40
N GLY A 63 28.43 7.67 11.68
CA GLY A 63 29.42 7.09 12.58
C GLY A 63 29.30 5.57 12.66
N HIS A 64 28.06 5.08 12.76
CA HIS A 64 27.82 3.64 12.79
C HIS A 64 28.24 2.99 11.47
N ARG A 65 27.90 3.62 10.35
CA ARG A 65 28.24 3.07 9.04
C ARG A 65 29.75 3.07 8.80
N ASN A 66 30.43 4.15 9.18
CA ASN A 66 31.88 4.26 9.03
C ASN A 66 32.64 3.61 10.17
N ARG A 67 31.95 3.14 11.20
CA ARG A 67 32.54 2.47 12.36
C ARG A 67 33.40 3.41 13.20
N THR A 68 33.19 4.72 13.09
CA THR A 68 33.84 5.65 14.02
C THR A 68 33.12 5.67 15.37
N GLU A 69 31.85 5.29 15.40
CA GLU A 69 31.10 5.13 16.64
C GLU A 69 30.79 3.64 16.85
N ASN A 70 30.81 3.22 18.10
CA ASN A 70 30.67 1.83 18.50
C ASN A 70 29.53 1.70 19.52
N ILE A 71 28.34 2.16 19.15
CA ILE A 71 27.20 2.21 20.04
C ILE A 71 26.14 1.22 19.56
N GLU A 72 25.53 0.50 20.49
CA GLU A 72 24.58 -0.55 20.15
C GLU A 72 23.36 0.03 19.43
N THR A 73 22.81 -0.75 18.50
CA THR A 73 21.69 -0.28 17.69
C THR A 73 20.45 0.00 18.54
N ILE A 74 20.30 -0.68 19.67
CA ILE A 74 19.17 -0.41 20.55
C ILE A 74 19.19 1.02 21.07
N ASP A 75 20.35 1.66 21.09
CA ASP A 75 20.42 3.06 21.48
C ASP A 75 20.18 4.01 20.32
N ARG A 76 20.20 3.50 19.08
CA ARG A 76 19.81 4.28 17.91
C ARG A 76 18.29 4.27 17.73
N ALA A 77 17.68 3.10 17.87
CA ALA A 77 16.25 2.91 17.64
C ALA A 77 15.64 2.18 18.82
N PRO A 78 15.62 2.80 19.99
CA PRO A 78 15.19 2.10 21.20
C PRO A 78 13.72 1.71 21.13
N PHE A 79 13.38 0.67 21.89
CA PHE A 79 12.00 0.20 21.93
C PHE A 79 11.14 1.23 22.64
N PHE A 80 10.13 1.73 21.94
CA PHE A 80 9.31 2.82 22.48
C PHE A 80 8.68 2.42 23.82
N GLU A 81 8.16 1.19 23.91
CA GLU A 81 7.51 0.76 25.14
C GLU A 81 8.45 -0.01 26.08
N TYR A 82 9.65 -0.37 25.63
CA TYR A 82 10.60 -1.12 26.46
C TYR A 82 11.90 -0.32 26.49
N ASN A 83 11.99 0.64 27.41
CA ASN A 83 13.17 1.48 27.55
C ASN A 83 14.11 0.85 28.57
N ILE A 84 14.75 -0.24 28.14
CA ILE A 84 15.58 -1.01 29.06
C ILE A 84 16.89 -0.30 29.38
N HIS A 85 17.31 0.65 28.55
CA HIS A 85 18.51 1.43 28.82
C HIS A 85 18.20 2.77 29.48
N LYS A 86 16.93 3.02 29.81
CA LYS A 86 16.52 4.22 30.54
C LYS A 86 17.02 5.50 29.86
N LEU A 87 16.81 5.59 28.54
CA LEU A 87 17.20 6.77 27.81
C LEU A 87 16.09 7.80 27.87
N ASP A 88 16.47 9.07 27.99
CA ASP A 88 15.50 10.17 27.98
C ASP A 88 15.10 10.43 26.54
N TYR A 89 14.01 9.79 26.11
CA TYR A 89 13.56 9.91 24.73
C TYR A 89 13.29 11.36 24.34
N ALA A 90 12.93 12.20 25.31
CA ALA A 90 12.62 13.59 24.99
C ALA A 90 13.87 14.32 24.50
N LYS A 91 15.02 14.05 25.11
CA LYS A 91 16.27 14.71 24.74
C LYS A 91 17.02 14.00 23.63
N MET A 92 16.49 12.91 23.09
CA MET A 92 17.16 12.27 21.97
C MET A 92 17.07 13.16 20.74
N PRO A 93 18.13 13.25 19.94
CA PRO A 93 18.14 14.24 18.85
C PRO A 93 17.31 13.78 17.66
N SER A 94 16.57 14.73 17.10
CA SER A 94 15.85 14.50 15.86
C SER A 94 16.83 14.33 14.70
N PRO A 95 16.53 13.44 13.74
CA PRO A 95 15.29 12.65 13.70
C PRO A 95 15.35 11.39 14.58
N ARG A 96 14.42 11.27 15.52
CA ARG A 96 14.39 10.11 16.39
C ARG A 96 13.93 8.86 15.63
N ILE A 97 14.57 7.74 15.93
CA ILE A 97 14.13 6.43 15.45
C ILE A 97 13.70 5.62 16.67
N PHE A 98 12.54 5.00 16.59
CA PHE A 98 12.00 4.13 17.63
C PHE A 98 11.64 2.78 17.04
N SER A 99 11.61 1.77 17.90
CA SER A 99 11.11 0.44 17.54
C SER A 99 9.93 0.10 18.44
N SER A 100 8.98 -0.66 17.89
CA SER A 100 7.76 -0.94 18.65
C SER A 100 6.98 -2.09 18.03
N HIS A 101 6.23 -2.77 18.89
CA HIS A 101 5.31 -3.84 18.50
C HIS A 101 3.84 -3.49 18.76
N ILE A 102 3.54 -2.26 19.16
CA ILE A 102 2.18 -1.89 19.54
C ILE A 102 1.24 -2.02 18.35
N PRO A 103 -0.06 -2.24 18.58
CA PRO A 103 -1.01 -2.33 17.47
C PRO A 103 -1.50 -0.94 17.08
N TYR A 104 -2.18 -0.88 15.93
CA TYR A 104 -2.59 0.40 15.37
C TYR A 104 -3.38 1.24 16.37
N TYR A 105 -4.23 0.61 17.18
CA TYR A 105 -5.13 1.38 18.03
C TYR A 105 -4.49 1.82 19.34
N LEU A 106 -3.22 1.49 19.57
CA LEU A 106 -2.54 1.93 20.77
C LEU A 106 -1.44 2.97 20.49
N VAL A 107 -1.32 3.43 19.24
CA VAL A 107 -0.30 4.39 18.85
C VAL A 107 -0.54 5.72 19.55
N PRO A 108 0.51 6.50 19.82
CA PRO A 108 0.30 7.90 20.22
C PRO A 108 -0.45 8.65 19.14
N LYS A 109 -1.45 9.43 19.55
CA LYS A 109 -2.28 10.14 18.59
C LYS A 109 -1.47 11.05 17.68
N GLY A 110 -0.25 11.42 18.09
CA GLY A 110 0.61 12.22 17.24
C GLY A 110 1.04 11.51 15.97
N LEU A 111 1.08 10.18 15.98
CA LEU A 111 1.38 9.46 14.75
C LEU A 111 0.26 9.60 13.73
N LYS A 112 -0.96 9.86 14.19
CA LYS A 112 -2.08 10.01 13.26
C LYS A 112 -2.06 11.36 12.56
N ASP A 113 -1.14 12.26 12.91
CA ASP A 113 -0.95 13.50 12.16
C ASP A 113 -0.18 13.27 10.86
N LYS A 114 0.28 12.05 10.62
CA LYS A 114 0.77 11.58 9.33
C LYS A 114 2.03 12.31 8.86
N LYS A 115 2.73 12.98 9.78
CA LYS A 115 4.04 13.54 9.48
C LYS A 115 5.19 12.63 9.91
N ALA A 116 5.11 12.04 11.10
CA ALA A 116 6.05 10.99 11.47
C ALA A 116 5.79 9.76 10.61
N LYS A 117 6.86 9.08 10.23
CA LYS A 117 6.77 7.95 9.32
C LYS A 117 6.87 6.63 10.07
N ILE A 118 6.18 5.62 9.52
CA ILE A 118 6.13 4.29 10.10
C ILE A 118 6.54 3.30 9.02
N LEU A 119 7.49 2.45 9.35
CA LEU A 119 7.92 1.34 8.51
C LEU A 119 7.45 0.08 9.21
N TYR A 120 6.52 -0.64 8.60
CA TYR A 120 5.99 -1.87 9.15
C TYR A 120 6.68 -3.03 8.46
N ILE A 121 7.35 -3.86 9.24
CA ILE A 121 8.05 -5.04 8.72
C ILE A 121 7.25 -6.26 9.13
N TYR A 122 6.98 -7.14 8.16
CA TYR A 122 6.25 -8.37 8.42
C TYR A 122 7.02 -9.56 7.87
N ARG A 123 6.59 -10.75 8.28
CA ARG A 123 7.24 -11.99 7.94
C ARG A 123 6.16 -13.07 7.96
N ASN A 124 6.39 -14.14 7.20
CA ASN A 124 5.39 -15.20 7.13
C ASN A 124 5.17 -15.77 8.54
N PRO A 125 3.91 -16.01 8.94
CA PRO A 125 3.65 -16.30 10.36
C PRO A 125 4.14 -17.66 10.82
N LYS A 126 4.51 -18.56 9.92
CA LYS A 126 5.04 -19.84 10.37
C LYS A 126 6.50 -19.72 10.80
N ASP A 127 7.31 -19.02 10.00
CA ASP A 127 8.66 -18.73 10.43
C ASP A 127 8.64 -17.83 11.67
N VAL A 128 7.70 -16.89 11.73
CA VAL A 128 7.55 -16.08 12.94
C VAL A 128 7.26 -16.96 14.14
N LEU A 129 6.34 -17.93 13.98
CA LEU A 129 6.01 -18.85 15.05
C LEU A 129 7.23 -19.59 15.54
N ILE A 130 7.99 -20.19 14.61
CA ILE A 130 9.14 -21.01 15.01
C ILE A 130 10.23 -20.15 15.65
N SER A 131 10.48 -18.96 15.08
CA SER A 131 11.45 -18.05 15.66
C SER A 131 11.07 -17.65 17.07
N TYR A 132 9.77 -17.33 17.27
CA TYR A 132 9.26 -17.00 18.60
C TYR A 132 9.37 -18.19 19.54
N PHE A 133 9.13 -19.40 19.03
CA PHE A 133 9.28 -20.60 19.84
C PHE A 133 10.70 -20.73 20.39
N HIS A 134 11.70 -20.60 19.51
CA HIS A 134 13.08 -20.71 19.94
C HIS A 134 13.47 -19.56 20.87
N PHE A 135 13.06 -18.34 20.52
CA PHE A 135 13.40 -17.17 21.34
C PHE A 135 12.80 -17.27 22.72
N SER A 136 11.60 -17.86 22.84
CA SER A 136 10.97 -18.02 24.15
C SER A 136 11.66 -19.11 24.94
N ASN A 137 12.05 -20.20 24.27
CA ASN A 137 12.89 -21.20 24.95
C ASN A 137 14.15 -20.55 25.49
N LEU A 138 14.73 -19.58 24.76
CA LEU A 138 16.02 -19.04 25.14
C LEU A 138 15.91 -17.95 26.19
N MET A 139 14.98 -17.02 26.02
CA MET A 139 14.95 -15.79 26.80
C MET A 139 14.13 -15.94 28.07
N LEU A 140 14.62 -15.34 29.16
CA LEU A 140 13.93 -15.41 30.45
C LEU A 140 12.70 -14.51 30.52
N ILE A 141 12.67 -13.45 29.72
CA ILE A 141 11.52 -12.53 29.75
C ILE A 141 10.26 -13.15 29.18
N PHE A 142 10.35 -14.33 28.58
CA PHE A 142 9.18 -15.01 28.02
C PHE A 142 8.98 -16.33 28.73
N GLN A 143 7.72 -16.77 28.76
CA GLN A 143 7.40 -18.08 29.33
C GLN A 143 8.02 -19.18 28.48
N ASN A 144 8.54 -20.20 29.15
CA ASN A 144 9.23 -21.28 28.46
C ASN A 144 8.22 -22.25 27.88
N PRO A 145 8.14 -22.41 26.55
CA PRO A 145 7.21 -23.38 25.97
C PRO A 145 7.78 -24.78 26.01
N ASP A 146 6.86 -25.76 26.01
CA ASP A 146 7.26 -27.16 26.07
C ASP A 146 7.52 -27.70 24.68
N THR A 147 6.48 -27.82 23.86
CA THR A 147 6.58 -28.44 22.55
C THR A 147 6.27 -27.41 21.47
N VAL A 148 6.41 -27.85 20.22
CA VAL A 148 5.99 -27.03 19.10
C VAL A 148 4.47 -26.96 19.04
N GLU A 149 3.78 -28.07 19.30
CA GLU A 149 2.33 -28.06 19.25
C GLU A 149 1.75 -27.14 20.31
N SER A 150 2.27 -27.23 21.54
CA SER A 150 1.74 -26.40 22.62
C SER A 150 2.03 -24.92 22.37
N PHE A 151 3.24 -24.60 21.91
CA PHE A 151 3.53 -23.20 21.63
C PHE A 151 2.72 -22.68 20.45
N MET A 152 2.45 -23.53 19.46
CA MET A 152 1.57 -23.10 18.37
C MET A 152 0.18 -22.79 18.88
N GLN A 153 -0.33 -23.61 19.80
CA GLN A 153 -1.62 -23.28 20.41
C GLN A 153 -1.55 -21.97 21.17
N THR A 154 -0.50 -21.77 21.98
CA THR A 154 -0.32 -20.53 22.73
C THR A 154 -0.25 -19.32 21.78
N PHE A 155 0.31 -19.53 20.59
CA PHE A 155 0.52 -18.49 19.60
C PHE A 155 -0.76 -18.12 18.88
N LEU A 156 -1.51 -19.12 18.43
CA LEU A 156 -2.80 -18.87 17.78
C LEU A 156 -3.83 -18.33 18.76
N ASP A 157 -3.61 -18.51 20.06
CA ASP A 157 -4.48 -17.92 21.08
C ASP A 157 -4.11 -16.48 21.40
N GLY A 158 -3.01 -15.98 20.87
CA GLY A 158 -2.53 -14.66 21.20
C GLY A 158 -2.00 -14.49 22.61
N ASP A 159 -1.77 -15.59 23.33
CA ASP A 159 -1.21 -15.51 24.68
C ASP A 159 0.31 -15.40 24.64
N VAL A 160 0.82 -14.39 23.92
CA VAL A 160 2.24 -14.07 23.87
C VAL A 160 2.36 -12.55 23.84
N VAL A 161 3.59 -12.07 24.07
CA VAL A 161 3.84 -10.64 23.93
C VAL A 161 3.60 -10.25 22.48
N GLY A 162 2.70 -9.29 22.28
CA GLY A 162 2.30 -8.85 20.96
C GLY A 162 0.94 -9.33 20.54
N SER A 163 0.31 -10.24 21.31
CA SER A 163 -1.05 -10.78 21.09
C SER A 163 -1.09 -11.51 19.77
N LEU A 164 -2.24 -11.58 19.12
CA LEU A 164 -2.42 -12.44 17.96
C LEU A 164 -1.83 -11.78 16.72
N TRP A 165 -1.06 -12.57 15.98
CA TRP A 165 -0.35 -12.04 14.81
C TRP A 165 -1.34 -11.47 13.80
N PHE A 166 -2.44 -12.18 13.54
CA PHE A 166 -3.42 -11.73 12.57
C PHE A 166 -4.03 -10.40 12.96
N ASP A 167 -4.38 -10.23 14.24
CA ASP A 167 -4.93 -8.95 14.68
C ASP A 167 -3.92 -7.81 14.48
N HIS A 168 -2.65 -8.05 14.82
CA HIS A 168 -1.62 -7.03 14.65
C HIS A 168 -1.54 -6.56 13.20
N ILE A 169 -1.27 -7.51 12.29
CA ILE A 169 -1.06 -7.13 10.90
C ILE A 169 -2.35 -6.57 10.29
N ARG A 170 -3.51 -7.09 10.66
CA ARG A 170 -4.77 -6.60 10.09
C ARG A 170 -5.06 -5.19 10.57
N GLY A 171 -4.99 -4.96 11.88
CA GLY A 171 -5.21 -3.62 12.40
C GLY A 171 -4.27 -2.60 11.81
N TRP A 172 -3.03 -3.00 11.50
CA TRP A 172 -2.13 -2.07 10.84
C TRP A 172 -2.49 -1.85 9.37
N TYR A 173 -2.80 -2.92 8.63
CA TYR A 173 -3.06 -2.73 7.20
C TYR A 173 -4.46 -2.14 6.96
N GLU A 174 -5.48 -2.66 7.62
CA GLU A 174 -6.83 -2.21 7.38
C GLU A 174 -7.03 -0.77 7.85
N HIS A 175 -6.00 -0.15 8.40
CA HIS A 175 -6.00 1.23 8.83
C HIS A 175 -4.77 1.96 8.32
N ARG A 176 -4.33 1.62 7.10
CA ARG A 176 -3.20 2.30 6.47
C ARG A 176 -3.35 3.81 6.55
N HIS A 177 -4.50 4.31 6.13
CA HIS A 177 -4.69 5.72 5.82
C HIS A 177 -4.78 6.60 7.05
N ASP A 178 -4.65 6.03 8.25
CA ASP A 178 -4.46 6.86 9.43
C ASP A 178 -3.01 7.25 9.64
N PHE A 179 -2.09 6.72 8.83
CA PHE A 179 -0.66 6.86 9.07
C PHE A 179 0.09 7.09 7.77
N ASN A 180 1.25 7.71 7.89
CA ASN A 180 2.26 7.76 6.82
C ASN A 180 3.13 6.53 7.03
N ILE A 181 2.89 5.48 6.22
CA ILE A 181 3.37 4.14 6.54
C ILE A 181 3.77 3.42 5.28
N MET A 182 4.78 2.57 5.40
CA MET A 182 5.22 1.65 4.34
C MET A 182 5.18 0.22 4.88
N PHE A 183 5.00 -0.74 3.99
CA PHE A 183 4.96 -2.16 4.35
C PHE A 183 6.06 -2.91 3.61
N MET A 184 6.83 -3.70 4.34
CA MET A 184 7.88 -4.49 3.71
C MET A 184 8.08 -5.79 4.50
N SER A 185 8.49 -6.83 3.79
CA SER A 185 8.53 -8.18 4.32
C SER A 185 9.96 -8.62 4.60
N PHE A 186 10.13 -9.34 5.72
CA PHE A 186 11.38 -10.03 6.01
C PHE A 186 11.90 -10.77 4.78
N GLU A 187 10.99 -11.44 4.07
CA GLU A 187 11.40 -12.26 2.94
C GLU A 187 11.93 -11.41 1.78
N ASP A 188 11.34 -10.24 1.55
CA ASP A 188 11.86 -9.38 0.50
C ASP A 188 13.25 -8.88 0.84
N MET A 189 13.46 -8.44 2.08
CA MET A 189 14.79 -8.07 2.54
C MET A 189 15.76 -9.24 2.44
N LYS A 190 15.26 -10.47 2.61
CA LYS A 190 16.14 -11.63 2.49
C LYS A 190 16.52 -11.87 1.04
N LYS A 191 15.59 -11.59 0.11
CA LYS A 191 15.81 -11.87 -1.30
C LYS A 191 16.63 -10.78 -1.99
N ASP A 192 16.26 -9.50 -1.80
CA ASP A 192 16.99 -8.39 -2.41
C ASP A 192 17.23 -7.33 -1.34
N LEU A 193 18.35 -7.47 -0.64
CA LEU A 193 18.66 -6.52 0.42
C LEU A 193 18.86 -5.11 -0.13
N ARG A 194 19.56 -4.99 -1.27
CA ARG A 194 19.90 -3.67 -1.78
C ARG A 194 18.65 -2.90 -2.22
N SER A 195 17.78 -3.55 -2.99
CA SER A 195 16.54 -2.90 -3.41
C SER A 195 15.68 -2.51 -2.22
N SER A 196 15.65 -3.37 -1.19
CA SER A 196 14.89 -3.04 0.01
C SER A 196 15.47 -1.81 0.71
N VAL A 197 16.80 -1.74 0.81
CA VAL A 197 17.43 -0.57 1.41
C VAL A 197 17.09 0.68 0.62
N LEU A 198 17.10 0.56 -0.71
CA LEU A 198 16.77 1.71 -1.54
C LEU A 198 15.33 2.15 -1.35
N LYS A 199 14.40 1.19 -1.25
CA LYS A 199 13.01 1.55 -1.03
C LYS A 199 12.82 2.19 0.36
N ILE A 200 13.57 1.71 1.36
CA ILE A 200 13.52 2.34 2.68
C ILE A 200 14.00 3.79 2.59
N CYS A 201 15.13 4.01 1.92
CA CYS A 201 15.66 5.36 1.79
C CYS A 201 14.67 6.26 1.07
N SER A 202 14.04 5.75 0.01
CA SER A 202 13.04 6.54 -0.72
C SER A 202 11.89 6.92 0.19
N PHE A 203 11.31 5.93 0.88
CA PHE A 203 10.17 6.21 1.75
C PHE A 203 10.55 7.19 2.86
N LEU A 204 11.75 7.05 3.41
CA LEU A 204 12.23 7.98 4.42
C LEU A 204 12.82 9.25 3.84
N GLU A 205 12.77 9.40 2.51
CA GLU A 205 13.42 10.47 1.75
C GLU A 205 14.76 10.86 2.35
N LYS A 206 15.63 9.86 2.51
CA LYS A 206 16.99 10.06 2.97
C LYS A 206 17.94 9.71 1.83
N GLU A 207 18.80 10.66 1.47
CA GLU A 207 19.72 10.46 0.36
C GLU A 207 21.00 9.78 0.83
N LEU A 208 21.52 8.89 -0.01
CA LEU A 208 22.76 8.17 0.27
C LEU A 208 23.52 7.98 -1.04
N SER A 209 24.84 8.02 -0.94
CA SER A 209 25.68 7.69 -2.08
C SER A 209 25.63 6.19 -2.36
N GLU A 210 26.16 5.81 -3.52
CA GLU A 210 26.13 4.39 -3.90
C GLU A 210 27.03 3.56 -3.00
N GLU A 211 28.21 4.06 -2.66
CA GLU A 211 29.09 3.28 -1.79
C GLU A 211 28.53 3.21 -0.37
N ASP A 212 27.80 4.24 0.07
CA ASP A 212 27.13 4.18 1.36
C ASP A 212 26.08 3.07 1.38
N VAL A 213 25.34 2.91 0.29
CA VAL A 213 24.38 1.83 0.20
C VAL A 213 25.09 0.48 0.15
N ASP A 214 26.24 0.42 -0.53
CA ASP A 214 27.04 -0.81 -0.49
C ASP A 214 27.44 -1.15 0.94
N ALA A 215 27.84 -0.16 1.71
CA ALA A 215 28.24 -0.39 3.10
C ALA A 215 27.06 -0.83 3.94
N VAL A 216 25.89 -0.22 3.71
CA VAL A 216 24.68 -0.61 4.44
C VAL A 216 24.35 -2.08 4.17
N VAL A 217 24.33 -2.47 2.89
CA VAL A 217 24.04 -3.86 2.55
C VAL A 217 25.08 -4.80 3.12
N ARG A 218 26.34 -4.37 3.09
CA ARG A 218 27.43 -5.21 3.59
CA ARG A 218 27.43 -5.21 3.59
C ARG A 218 27.29 -5.47 5.08
N GLN A 219 27.01 -4.43 5.86
CA GLN A 219 26.91 -4.59 7.30
C GLN A 219 25.55 -5.09 7.78
N ALA A 220 24.53 -5.10 6.92
CA ALA A 220 23.21 -5.60 7.30
C ALA A 220 22.97 -7.03 6.87
N THR A 221 23.91 -7.64 6.15
CA THR A 221 23.79 -9.05 5.79
C THR A 221 23.89 -9.93 7.03
N PHE A 222 23.14 -11.03 7.02
CA PHE A 222 22.96 -11.84 8.22
C PHE A 222 24.29 -12.23 8.87
N GLN A 223 25.15 -12.92 8.13
CA GLN A 223 26.35 -13.49 8.77
C GLN A 223 27.31 -12.41 9.24
N LYS A 224 27.37 -11.28 8.54
CA LYS A 224 28.20 -10.17 8.97
C LYS A 224 27.60 -9.47 10.18
N MET A 225 26.27 -9.31 10.19
CA MET A 225 25.63 -8.64 11.32
C MET A 225 25.66 -9.48 12.58
N LYS A 226 25.60 -10.81 12.45
CA LYS A 226 25.71 -11.67 13.62
C LYS A 226 27.07 -11.51 14.29
N ALA A 227 28.10 -11.17 13.53
CA ALA A 227 29.43 -10.93 14.06
C ALA A 227 29.63 -9.48 14.52
N ASP A 228 28.64 -8.61 14.33
CA ASP A 228 28.74 -7.23 14.77
C ASP A 228 28.11 -7.08 16.15
N PRO A 229 28.89 -6.91 17.22
CA PRO A 229 28.28 -6.84 18.56
C PRO A 229 27.45 -5.58 18.77
N ARG A 230 27.59 -4.57 17.91
CA ARG A 230 26.73 -3.39 17.99
C ARG A 230 25.30 -3.70 17.57
N ALA A 231 25.08 -4.81 16.87
CA ALA A 231 23.79 -5.11 16.27
C ALA A 231 23.24 -6.48 16.59
N ASN A 232 24.08 -7.45 16.98
CA ASN A 232 23.65 -8.83 17.18
C ASN A 232 22.96 -9.06 18.52
N TYR A 233 22.90 -8.04 19.38
CA TYR A 233 22.19 -8.10 20.65
C TYR A 233 22.73 -9.16 21.61
N GLU A 234 23.98 -9.56 21.44
CA GLU A 234 24.53 -10.64 22.27
C GLU A 234 24.70 -10.18 23.71
N HIS A 235 25.40 -9.07 23.91
CA HIS A 235 25.58 -8.54 25.26
CA HIS A 235 25.58 -8.56 25.26
C HIS A 235 24.26 -8.21 25.92
N ILE A 236 23.33 -7.62 25.15
CA ILE A 236 22.05 -7.22 25.72
C ILE A 236 21.29 -8.42 26.27
N ILE A 237 21.23 -9.52 25.52
CA ILE A 237 20.45 -10.67 25.99
C ILE A 237 21.21 -11.47 27.04
N LYS A 238 22.54 -11.49 26.97
CA LYS A 238 23.29 -12.30 27.94
C LYS A 238 23.38 -11.60 29.29
N ASP A 239 23.69 -10.31 29.30
CA ASP A 239 24.01 -9.59 30.53
C ASP A 239 22.84 -8.79 31.09
N GLU A 240 21.94 -8.28 30.25
CA GLU A 240 20.84 -7.46 30.75
C GLU A 240 19.54 -8.24 30.86
N LEU A 241 19.06 -8.82 29.75
CA LEU A 241 17.79 -9.51 29.75
C LEU A 241 17.87 -10.93 30.31
N GLY A 242 19.04 -11.56 30.23
CA GLY A 242 19.20 -12.88 30.82
C GLY A 242 18.74 -14.00 29.93
N THR A 243 19.56 -15.03 29.81
CA THR A 243 19.26 -16.19 28.98
C THR A 243 19.19 -17.44 29.84
N ARG A 244 18.36 -18.39 29.43
CA ARG A 244 18.23 -19.63 30.18
C ARG A 244 19.45 -20.51 29.97
N ASN A 245 19.77 -20.80 28.72
CA ASN A 245 21.05 -21.44 28.43
C ASN A 245 22.03 -20.33 28.04
N GLU A 246 23.18 -20.69 27.47
CA GLU A 246 24.08 -19.69 26.90
C GLU A 246 24.51 -20.07 25.49
N MET A 247 23.79 -20.98 24.83
CA MET A 247 24.14 -21.44 23.51
C MET A 247 23.36 -20.73 22.40
N GLY A 248 22.09 -20.39 22.64
CA GLY A 248 21.27 -19.74 21.63
C GLY A 248 21.63 -18.27 21.44
N SER A 249 21.12 -17.72 20.34
CA SER A 249 21.50 -16.37 19.94
C SER A 249 20.31 -15.69 19.28
N PHE A 250 20.32 -14.36 19.31
CA PHE A 250 19.22 -13.60 18.72
C PHE A 250 19.16 -13.82 17.21
N LEU A 251 20.31 -13.81 16.55
CA LEU A 251 20.43 -14.15 15.13
C LEU A 251 20.71 -15.65 15.04
N ARG A 252 19.65 -16.45 15.13
CA ARG A 252 19.79 -17.89 15.16
C ARG A 252 20.14 -18.45 13.77
N LYS A 253 19.17 -18.43 12.86
CA LYS A 253 19.40 -18.87 11.49
C LYS A 253 19.12 -17.78 10.48
N GLY A 254 17.99 -17.08 10.61
CA GLY A 254 17.63 -16.05 9.64
C GLY A 254 17.29 -16.56 8.26
N VAL A 255 16.71 -17.77 8.17
CA VAL A 255 16.37 -18.36 6.88
C VAL A 255 14.86 -18.41 6.73
N VAL A 256 14.41 -18.37 5.48
CA VAL A 256 12.99 -18.47 5.16
C VAL A 256 12.70 -19.90 4.72
N GLY A 257 11.65 -20.50 5.30
CA GLY A 257 11.27 -21.86 5.02
C GLY A 257 11.67 -22.87 6.08
N ALA A 258 12.33 -22.44 7.16
CA ALA A 258 12.79 -23.39 8.17
C ALA A 258 11.62 -24.06 8.90
N TRP A 259 10.47 -23.38 8.97
CA TRP A 259 9.30 -23.94 9.65
C TRP A 259 8.88 -25.27 9.06
N LYS A 260 9.18 -25.53 7.78
CA LYS A 260 8.84 -26.80 7.16
C LYS A 260 9.50 -27.98 7.86
N HIS A 261 10.56 -27.73 8.64
CA HIS A 261 11.20 -28.79 9.39
C HIS A 261 10.58 -29.02 10.76
N TYR A 262 9.66 -28.16 11.19
CA TYR A 262 9.05 -28.25 12.50
C TYR A 262 7.57 -28.58 12.47
N LEU A 263 6.83 -28.06 11.49
CA LEU A 263 5.39 -28.28 11.42
C LEU A 263 5.08 -29.52 10.60
N THR A 264 4.26 -30.41 11.16
CA THR A 264 3.66 -31.50 10.41
C THR A 264 2.67 -30.94 9.40
N VAL A 265 2.29 -31.79 8.44
CA VAL A 265 1.33 -31.35 7.43
C VAL A 265 0.00 -30.99 8.07
N ASP A 266 -0.36 -31.70 9.14
CA ASP A 266 -1.63 -31.42 9.80
C ASP A 266 -1.63 -30.04 10.45
N GLN A 267 -0.58 -29.75 11.22
CA GLN A 267 -0.44 -28.41 11.81
C GLN A 267 -0.42 -27.34 10.73
N SER A 268 0.31 -27.58 9.65
CA SER A 268 0.41 -26.60 8.58
C SER A 268 -0.94 -26.32 7.95
N GLU A 269 -1.73 -27.37 7.70
CA GLU A 269 -3.02 -27.18 7.05
C GLU A 269 -4.02 -26.48 7.97
N ARG A 270 -4.01 -26.82 9.27
CA ARG A 270 -4.84 -26.09 10.21
C ARG A 270 -4.46 -24.61 10.24
N PHE A 271 -3.16 -24.32 10.28
CA PHE A 271 -2.70 -22.96 10.20
C PHE A 271 -3.18 -22.28 8.93
N ASP A 272 -3.08 -22.97 7.80
CA ASP A 272 -3.50 -22.39 6.53
C ASP A 272 -4.98 -22.04 6.54
N LYS A 273 -5.81 -22.88 7.15
CA LYS A 273 -7.24 -22.57 7.25
C LYS A 273 -7.44 -21.27 8.04
N ILE A 274 -6.76 -21.16 9.19
CA ILE A 274 -6.89 -19.94 9.98
C ILE A 274 -6.36 -18.73 9.20
N PHE A 275 -5.25 -18.91 8.49
CA PHE A 275 -4.63 -17.82 7.77
C PHE A 275 -5.50 -17.33 6.63
N HIS A 276 -6.11 -18.26 5.89
CA HIS A 276 -7.02 -17.88 4.81
C HIS A 276 -8.24 -17.16 5.37
N ARG A 277 -8.78 -17.66 6.49
CA ARG A 277 -9.92 -16.98 7.10
C ARG A 277 -9.57 -15.55 7.48
N ASN A 278 -8.35 -15.32 7.97
CA ASN A 278 -8.01 -13.99 8.47
C ASN A 278 -7.46 -13.05 7.41
N MET A 279 -6.91 -13.57 6.30
CA MET A 279 -6.05 -12.77 5.43
C MET A 279 -6.46 -12.79 3.96
N LYS A 280 -7.62 -13.36 3.63
CA LYS A 280 -7.96 -13.53 2.22
C LYS A 280 -8.13 -12.19 1.49
N ASN A 281 -8.40 -11.11 2.21
CA ASN A 281 -8.64 -9.82 1.57
C ASN A 281 -7.42 -8.91 1.56
N ILE A 282 -6.43 -9.18 2.40
CA ILE A 282 -5.25 -8.33 2.51
C ILE A 282 -4.29 -8.62 1.36
N PRO A 283 -3.97 -7.62 0.53
CA PRO A 283 -3.13 -7.84 -0.65
C PRO A 283 -1.65 -7.59 -0.36
N LEU A 284 -1.12 -8.33 0.61
CA LEU A 284 0.30 -8.35 0.89
C LEU A 284 0.88 -9.65 0.35
N LYS A 285 1.99 -9.56 -0.37
CA LYS A 285 2.65 -10.75 -0.88
C LYS A 285 3.37 -11.46 0.26
N PHE A 286 3.25 -12.79 0.29
CA PHE A 286 3.83 -13.62 1.32
C PHE A 286 4.70 -14.69 0.69
N ILE A 287 5.94 -14.80 1.16
CA ILE A 287 6.88 -15.82 0.72
C ILE A 287 7.06 -16.79 1.87
N TRP A 288 7.05 -18.09 1.56
CA TRP A 288 7.10 -19.12 2.57
C TRP A 288 8.36 -19.98 2.54
N ASP A 289 9.17 -19.91 1.49
CA ASP A 289 10.36 -20.75 1.42
C ASP A 289 11.41 -20.04 0.58
N ILE A 290 12.64 -20.53 0.69
CA ILE A 290 13.84 -20.00 0.02
C ILE A 290 13.81 -18.49 -0.14
N ASP B 5 -0.32 11.67 -37.18
CA ASP B 5 -1.29 10.72 -36.62
C ASP B 5 -2.35 11.48 -35.82
N GLU B 6 -3.56 11.57 -36.39
CA GLU B 6 -4.61 12.40 -35.80
C GLU B 6 -5.04 11.88 -34.42
N TYR B 7 -4.86 10.59 -34.17
CA TYR B 7 -5.38 10.00 -32.94
C TYR B 7 -4.40 10.13 -31.78
N LEU B 8 -3.16 9.71 -31.97
CA LEU B 8 -2.20 9.64 -30.89
C LEU B 8 -1.23 10.81 -30.93
N LEU B 9 -0.75 11.20 -29.74
CA LEU B 9 0.23 12.26 -29.58
C LEU B 9 1.24 11.79 -28.55
N ASN B 10 2.36 11.23 -29.03
CA ASN B 10 3.37 10.69 -28.15
C ASN B 10 4.08 11.81 -27.39
N PHE B 11 4.43 11.53 -26.14
CA PHE B 11 5.14 12.50 -25.30
C PHE B 11 5.90 11.73 -24.24
N LYS B 12 7.23 11.75 -24.32
CA LYS B 12 8.10 11.06 -23.37
C LYS B 12 7.81 9.56 -23.31
N GLY B 13 7.30 9.02 -24.40
CA GLY B 13 6.91 7.62 -24.47
C GLY B 13 5.44 7.35 -24.18
N TYR B 14 4.68 8.36 -23.76
CA TYR B 14 3.27 8.21 -23.41
C TYR B 14 2.41 8.93 -24.44
N ASN B 15 1.28 8.30 -24.78
CA ASN B 15 0.40 8.79 -25.85
C ASN B 15 -0.79 9.52 -25.28
N PHE B 16 -0.99 10.76 -25.72
CA PHE B 16 -2.21 11.51 -25.46
C PHE B 16 -3.10 11.51 -26.70
N GLN B 17 -4.39 11.73 -26.48
CA GLN B 17 -5.28 12.01 -27.60
C GLN B 17 -4.96 13.39 -28.14
N LYS B 18 -4.77 13.49 -29.46
CA LYS B 18 -4.28 14.72 -30.06
C LYS B 18 -5.27 15.87 -29.87
N THR B 19 -6.49 15.71 -30.40
CA THR B 19 -7.42 16.82 -30.53
C THR B 19 -7.87 17.39 -29.19
N LEU B 20 -7.90 16.58 -28.13
CA LEU B 20 -8.40 17.05 -26.85
C LEU B 20 -7.31 17.59 -25.93
N VAL B 21 -6.07 17.14 -26.07
CA VAL B 21 -5.01 17.64 -25.22
C VAL B 21 -4.54 18.99 -25.73
N LYS B 22 -4.02 19.80 -24.82
CA LYS B 22 -3.33 21.04 -25.17
C LYS B 22 -1.83 20.79 -25.05
N MET B 23 -1.09 21.13 -26.10
CA MET B 23 0.34 20.89 -26.08
C MET B 23 1.03 21.71 -25.00
N GLU B 24 0.54 22.92 -24.75
CA GLU B 24 1.21 23.81 -23.82
C GLU B 24 1.13 23.30 -22.38
N VAL B 25 -0.03 22.75 -21.99
CA VAL B 25 -0.19 22.31 -20.60
C VAL B 25 0.61 21.03 -20.36
N VAL B 26 0.64 20.13 -21.33
CA VAL B 26 1.40 18.89 -21.14
C VAL B 26 2.90 19.17 -21.18
N GLU B 27 3.33 20.12 -22.02
CA GLU B 27 4.72 20.53 -22.02
C GLU B 27 5.11 21.16 -20.69
N ASN B 28 4.42 22.22 -20.31
CA ASN B 28 4.73 22.93 -19.07
C ASN B 28 3.91 22.34 -17.92
N ILE B 29 4.09 21.05 -17.72
CA ILE B 29 3.54 20.37 -16.57
C ILE B 29 4.61 20.32 -15.49
N GLU B 30 4.25 19.76 -14.32
CA GLU B 30 5.07 19.76 -13.11
C GLU B 30 5.09 21.13 -12.44
N ASN B 31 5.06 22.20 -13.24
CA ASN B 31 4.96 23.54 -12.68
C ASN B 31 3.53 23.94 -12.35
N TYR B 32 2.56 23.08 -12.64
CA TYR B 32 1.19 23.34 -12.24
C TYR B 32 1.08 23.30 -10.72
N GLU B 33 0.47 24.34 -10.14
CA GLU B 33 0.32 24.42 -8.70
C GLU B 33 -0.77 23.47 -8.22
N ILE B 34 -0.43 22.61 -7.26
CA ILE B 34 -1.37 21.64 -6.72
C ILE B 34 -1.60 21.97 -5.25
N ARG B 35 -2.84 22.30 -4.91
CA ARG B 35 -3.21 22.56 -3.54
C ARG B 35 -3.18 21.26 -2.72
N ASP B 36 -3.08 21.42 -1.40
CA ASP B 36 -2.84 20.29 -0.52
C ASP B 36 -4.06 19.43 -0.25
N ASP B 37 -5.25 19.87 -0.63
CA ASP B 37 -6.46 19.08 -0.46
C ASP B 37 -7.05 18.62 -1.77
N ASP B 38 -6.27 18.68 -2.86
CA ASP B 38 -6.79 18.27 -4.16
C ASP B 38 -6.86 16.75 -4.27
N ILE B 39 -7.83 16.28 -5.03
CA ILE B 39 -8.05 14.85 -5.27
C ILE B 39 -7.77 14.54 -6.72
N PHE B 40 -7.12 13.40 -6.97
CA PHE B 40 -6.79 12.96 -8.32
C PHE B 40 -7.25 11.53 -8.53
N ILE B 41 -8.28 11.36 -9.35
CA ILE B 41 -8.66 10.03 -9.85
C ILE B 41 -7.71 9.71 -11.00
N VAL B 42 -6.77 8.79 -10.76
CA VAL B 42 -5.84 8.36 -11.80
C VAL B 42 -6.22 6.95 -12.21
N THR B 43 -6.49 6.76 -13.50
CA THR B 43 -6.83 5.44 -14.02
C THR B 43 -6.16 5.22 -15.37
N TYR B 44 -5.95 3.94 -15.69
CA TYR B 44 -5.78 3.56 -17.07
C TYR B 44 -7.14 3.61 -17.76
N PRO B 45 -7.21 4.10 -19.00
CA PRO B 45 -8.51 4.24 -19.67
C PRO B 45 -9.33 2.96 -19.61
N LYS B 46 -10.63 3.13 -19.33
CA LYS B 46 -11.63 2.06 -19.34
C LYS B 46 -11.52 1.14 -18.11
N SER B 47 -11.10 1.72 -16.98
CA SER B 47 -11.00 0.99 -15.72
C SER B 47 -12.00 1.45 -14.67
N GLY B 48 -12.82 2.45 -14.97
CA GLY B 48 -13.79 2.93 -14.00
C GLY B 48 -13.60 4.40 -13.68
N THR B 49 -13.14 5.16 -14.66
CA THR B 49 -12.86 6.57 -14.46
C THR B 49 -14.12 7.35 -14.11
N ILE B 50 -15.09 7.38 -15.04
CA ILE B 50 -16.27 8.22 -14.82
C ILE B 50 -17.14 7.66 -13.70
N TRP B 51 -17.07 6.35 -13.46
CA TRP B 51 -17.73 5.79 -12.29
C TRP B 51 -17.19 6.41 -11.02
N THR B 52 -15.86 6.49 -10.90
CA THR B 52 -15.27 7.13 -9.74
C THR B 52 -15.58 8.62 -9.70
N GLN B 53 -15.66 9.27 -10.87
CA GLN B 53 -16.07 10.67 -10.90
C GLN B 53 -17.46 10.83 -10.28
N GLN B 54 -18.40 9.98 -10.69
CA GLN B 54 -19.74 10.03 -10.13
C GLN B 54 -19.73 9.79 -8.62
N ILE B 55 -18.99 8.76 -8.18
CA ILE B 55 -18.92 8.45 -6.75
C ILE B 55 -18.40 9.65 -5.97
N LEU B 56 -17.31 10.26 -6.45
CA LEU B 56 -16.70 11.36 -5.71
C LEU B 56 -17.55 12.62 -5.77
N SER B 57 -18.28 12.83 -6.88
CA SER B 57 -19.20 13.96 -6.95
C SER B 57 -20.37 13.77 -5.99
N LEU B 58 -20.84 12.52 -5.85
CA LEU B 58 -21.91 12.25 -4.88
C LEU B 58 -21.41 12.43 -3.46
N ILE B 59 -20.15 12.06 -3.21
CA ILE B 59 -19.63 12.16 -1.84
C ILE B 59 -19.37 13.62 -1.48
N TYR B 60 -18.82 14.40 -2.40
CA TYR B 60 -18.27 15.71 -2.05
C TYR B 60 -19.27 16.85 -2.21
N PHE B 61 -20.09 16.83 -3.26
CA PHE B 61 -20.92 17.98 -3.60
C PHE B 61 -22.37 17.67 -3.22
N GLU B 62 -22.88 18.37 -2.19
CA GLU B 62 -24.19 18.04 -1.64
C GLU B 62 -25.31 18.33 -2.63
N GLY B 63 -25.14 19.33 -3.50
CA GLY B 63 -26.15 19.60 -4.50
C GLY B 63 -26.33 18.48 -5.49
N HIS B 64 -25.25 17.75 -5.79
CA HIS B 64 -25.34 16.61 -6.70
C HIS B 64 -25.96 15.41 -5.99
N ARG B 65 -25.52 15.12 -4.77
CA ARG B 65 -26.06 13.99 -4.02
C ARG B 65 -27.55 14.17 -3.75
N ASN B 66 -28.00 15.40 -3.49
CA ASN B 66 -29.40 15.70 -3.24
C ASN B 66 -30.16 16.08 -4.50
N ARG B 67 -29.54 15.94 -5.67
CA ARG B 67 -30.17 16.24 -6.97
C ARG B 67 -30.67 17.69 -7.05
N THR B 68 -30.12 18.57 -6.22
CA THR B 68 -30.47 19.99 -6.29
C THR B 68 -29.85 20.65 -7.51
N GLU B 69 -28.65 20.24 -7.89
CA GLU B 69 -27.92 20.84 -9.00
C GLU B 69 -27.89 19.89 -10.19
N ASN B 70 -27.48 20.43 -11.34
CA ASN B 70 -27.49 19.69 -12.59
C ASN B 70 -26.21 19.95 -13.37
N ILE B 71 -25.08 19.93 -12.69
CA ILE B 71 -23.78 20.02 -13.34
C ILE B 71 -23.30 18.61 -13.63
N GLU B 72 -22.82 18.40 -14.86
CA GLU B 72 -22.30 17.10 -15.24
C GLU B 72 -21.06 16.77 -14.41
N THR B 73 -20.80 15.46 -14.28
CA THR B 73 -19.63 15.01 -13.53
C THR B 73 -18.33 15.47 -14.17
N ILE B 74 -18.34 15.77 -15.47
CA ILE B 74 -17.13 16.25 -16.14
C ILE B 74 -16.67 17.57 -15.53
N ASP B 75 -17.60 18.41 -15.08
CA ASP B 75 -17.23 19.68 -14.48
C ASP B 75 -16.99 19.57 -12.98
N ARG B 76 -17.25 18.42 -12.38
CA ARG B 76 -16.89 18.18 -10.99
C ARG B 76 -15.49 17.58 -10.88
N ALA B 77 -15.14 16.68 -11.80
CA ALA B 77 -13.82 16.05 -11.85
C ALA B 77 -13.27 16.13 -13.27
N PRO B 78 -12.88 17.33 -13.70
CA PRO B 78 -12.42 17.49 -15.09
C PRO B 78 -11.13 16.74 -15.34
N PHE B 79 -10.92 16.39 -16.61
CA PHE B 79 -9.68 15.74 -17.03
C PHE B 79 -8.56 16.77 -17.09
N PHE B 80 -7.52 16.56 -16.28
CA PHE B 80 -6.35 17.42 -16.28
C PHE B 80 -5.86 17.69 -17.70
N GLU B 81 -5.49 16.62 -18.41
CA GLU B 81 -4.90 16.77 -19.74
C GLU B 81 -5.94 17.05 -20.83
N TYR B 82 -7.22 16.83 -20.56
CA TYR B 82 -8.27 17.02 -21.56
C TYR B 82 -9.32 17.97 -20.97
N ASN B 83 -9.05 19.27 -21.11
CA ASN B 83 -10.00 20.29 -20.67
C ASN B 83 -10.99 20.57 -21.80
N ILE B 84 -11.85 19.58 -22.04
CA ILE B 84 -12.76 19.64 -23.18
C ILE B 84 -13.80 20.73 -23.00
N HIS B 85 -14.24 20.95 -21.75
CA HIS B 85 -15.15 22.06 -21.46
C HIS B 85 -14.42 23.38 -21.28
N LYS B 86 -13.09 23.38 -21.37
CA LYS B 86 -12.27 24.58 -21.26
C LYS B 86 -12.63 25.39 -20.01
N LEU B 87 -12.64 24.70 -18.87
CA LEU B 87 -12.84 25.36 -17.60
C LEU B 87 -11.53 25.98 -17.13
N ASP B 88 -11.64 27.06 -16.36
CA ASP B 88 -10.47 27.67 -15.73
C ASP B 88 -10.17 26.88 -14.46
N TYR B 89 -9.28 25.90 -14.56
CA TYR B 89 -8.99 25.02 -13.43
C TYR B 89 -8.41 25.80 -12.27
N ALA B 90 -7.62 26.83 -12.54
CA ALA B 90 -6.98 27.59 -11.46
C ALA B 90 -8.02 28.31 -10.61
N LYS B 91 -9.06 28.83 -11.25
CA LYS B 91 -10.10 29.56 -10.55
C LYS B 91 -11.18 28.66 -9.94
N MET B 92 -10.90 27.36 -9.80
CA MET B 92 -11.91 26.49 -9.19
C MET B 92 -11.65 26.35 -7.71
N PRO B 93 -12.69 26.27 -6.89
CA PRO B 93 -12.50 26.27 -5.44
C PRO B 93 -12.05 24.91 -4.91
N SER B 94 -11.41 24.96 -3.75
CA SER B 94 -11.01 23.77 -3.03
C SER B 94 -12.22 23.17 -2.30
N PRO B 95 -12.26 21.83 -2.15
CA PRO B 95 -11.26 20.90 -2.69
C PRO B 95 -11.44 20.65 -4.19
N ARG B 96 -10.34 20.51 -4.90
CA ARG B 96 -10.36 20.26 -6.34
C ARG B 96 -10.30 18.77 -6.63
N ILE B 97 -11.08 18.33 -7.61
CA ILE B 97 -11.08 16.94 -8.06
C ILE B 97 -10.72 16.93 -9.54
N PHE B 98 -9.67 16.21 -9.88
CA PHE B 98 -9.24 16.01 -11.25
C PHE B 98 -9.28 14.53 -11.59
N SER B 99 -9.37 14.25 -12.89
CA SER B 99 -9.26 12.89 -13.41
C SER B 99 -8.11 12.89 -14.43
N SER B 100 -7.37 11.78 -14.47
CA SER B 100 -6.22 11.72 -15.37
C SER B 100 -5.81 10.27 -15.63
N HIS B 101 -5.18 10.08 -16.80
CA HIS B 101 -4.56 8.83 -17.22
C HIS B 101 -3.05 8.93 -17.32
N ILE B 102 -2.48 10.05 -16.89
CA ILE B 102 -1.05 10.25 -16.91
C ILE B 102 -0.36 9.16 -16.09
N PRO B 103 0.83 8.77 -16.48
CA PRO B 103 1.68 7.89 -15.66
C PRO B 103 2.44 8.70 -14.61
N TYR B 104 3.28 8.05 -13.81
CA TYR B 104 3.96 8.80 -12.74
C TYR B 104 4.85 9.92 -13.30
N TYR B 105 5.54 9.72 -14.44
CA TYR B 105 6.59 10.69 -14.80
C TYR B 105 6.06 12.01 -15.34
N LEU B 106 4.76 12.15 -15.55
CA LEU B 106 4.22 13.41 -16.00
C LEU B 106 3.39 14.12 -14.94
N VAL B 107 3.48 13.67 -13.69
CA VAL B 107 2.71 14.29 -12.62
C VAL B 107 3.35 15.59 -12.19
N PRO B 108 2.57 16.51 -11.65
CA PRO B 108 3.12 17.78 -11.15
C PRO B 108 3.84 17.59 -9.82
N LYS B 109 4.65 18.60 -9.47
CA LYS B 109 5.39 18.59 -8.22
C LYS B 109 4.48 18.61 -7.00
N GLY B 110 3.33 19.28 -7.11
CA GLY B 110 2.39 19.30 -6.01
C GLY B 110 1.93 17.91 -5.60
N LEU B 111 1.77 17.02 -6.58
CA LEU B 111 1.47 15.63 -6.27
C LEU B 111 2.65 14.97 -5.56
N LYS B 112 3.88 15.37 -5.91
CA LYS B 112 5.06 14.86 -5.22
C LYS B 112 5.06 15.31 -3.76
N ASP B 113 4.46 16.46 -3.47
CA ASP B 113 4.40 16.96 -2.10
C ASP B 113 3.66 16.04 -1.15
N LYS B 114 2.96 15.00 -1.65
CA LYS B 114 2.39 13.96 -0.80
C LYS B 114 1.22 14.48 0.03
N LYS B 115 0.94 15.78 -0.08
CA LYS B 115 -0.19 16.34 0.67
C LYS B 115 -1.52 15.99 0.01
N ALA B 116 -1.62 16.17 -1.31
CA ALA B 116 -2.84 15.87 -2.03
C ALA B 116 -2.93 14.38 -2.32
N LYS B 117 -4.16 13.84 -2.23
CA LYS B 117 -4.38 12.41 -2.35
C LYS B 117 -4.69 12.02 -3.78
N ILE B 118 -4.32 10.78 -4.13
CA ILE B 118 -4.54 10.21 -5.44
C ILE B 118 -5.28 8.90 -5.27
N LEU B 119 -6.40 8.75 -5.98
CA LEU B 119 -7.20 7.54 -5.95
C LEU B 119 -6.95 6.78 -7.25
N TYR B 120 -6.24 5.67 -7.16
CA TYR B 120 -5.89 4.88 -8.34
C TYR B 120 -6.87 3.72 -8.47
N ILE B 121 -7.70 3.76 -9.50
CA ILE B 121 -8.66 2.71 -9.79
C ILE B 121 -8.08 1.83 -10.89
N TYR B 122 -8.16 0.53 -10.70
CA TYR B 122 -7.67 -0.43 -11.68
C TYR B 122 -8.70 -1.52 -11.90
N ARG B 123 -8.53 -2.23 -13.00
CA ARG B 123 -9.47 -3.26 -13.43
C ARG B 123 -8.68 -4.36 -14.10
N ASN B 124 -9.20 -5.58 -14.04
CA ASN B 124 -8.51 -6.70 -14.67
C ASN B 124 -8.33 -6.39 -16.15
N PRO B 125 -7.12 -6.57 -16.70
CA PRO B 125 -6.81 -6.02 -18.02
C PRO B 125 -7.55 -6.68 -19.18
N LYS B 126 -8.20 -7.83 -18.97
CA LYS B 126 -8.94 -8.44 -20.08
C LYS B 126 -10.26 -7.70 -20.31
N ASP B 127 -11.02 -7.47 -19.24
CA ASP B 127 -12.19 -6.61 -19.36
C ASP B 127 -11.80 -5.22 -19.84
N VAL B 128 -10.67 -4.69 -19.36
CA VAL B 128 -10.18 -3.39 -19.82
C VAL B 128 -9.95 -3.42 -21.33
N LEU B 129 -9.33 -4.49 -21.82
CA LEU B 129 -9.06 -4.61 -23.25
C LEU B 129 -10.35 -4.61 -24.05
N ILE B 130 -11.34 -5.39 -23.62
CA ILE B 130 -12.59 -5.48 -24.37
C ILE B 130 -13.35 -4.16 -24.32
N SER B 131 -13.38 -3.52 -23.15
CA SER B 131 -14.07 -2.24 -23.00
C SER B 131 -13.42 -1.19 -23.88
N TYR B 132 -12.09 -1.15 -23.93
CA TYR B 132 -11.39 -0.21 -24.79
C TYR B 132 -11.64 -0.51 -26.26
N PHE B 133 -11.71 -1.80 -26.61
CA PHE B 133 -12.02 -2.17 -27.99
C PHE B 133 -13.37 -1.61 -28.42
N HIS B 134 -14.41 -1.83 -27.59
CA HIS B 134 -15.73 -1.31 -27.92
C HIS B 134 -15.74 0.22 -27.97
N PHE B 135 -15.10 0.86 -26.99
CA PHE B 135 -15.08 2.32 -26.96
C PHE B 135 -14.39 2.90 -28.18
N SER B 136 -13.28 2.30 -28.59
CA SER B 136 -12.55 2.77 -29.76
C SER B 136 -13.37 2.56 -31.04
N ASN B 137 -14.07 1.42 -31.12
CA ASN B 137 -15.02 1.23 -32.22
C ASN B 137 -16.04 2.36 -32.25
N LEU B 138 -16.56 2.78 -31.09
CA LEU B 138 -17.63 3.76 -31.09
C LEU B 138 -17.11 5.20 -31.26
N MET B 139 -16.06 5.57 -30.55
CA MET B 139 -15.68 6.98 -30.46
C MET B 139 -14.93 7.45 -31.69
N LEU B 140 -15.28 8.66 -32.15
CA LEU B 140 -14.53 9.30 -33.24
C LEU B 140 -13.15 9.74 -32.78
N ILE B 141 -12.99 10.07 -31.50
CA ILE B 141 -11.69 10.51 -30.99
C ILE B 141 -10.65 9.38 -30.99
N PHE B 142 -11.06 8.15 -31.28
CA PHE B 142 -10.16 7.01 -31.26
C PHE B 142 -10.11 6.37 -32.63
N GLN B 143 -8.99 5.68 -32.88
CA GLN B 143 -8.87 4.88 -34.08
C GLN B 143 -9.81 3.68 -34.01
N ASN B 144 -10.47 3.38 -35.13
CA ASN B 144 -11.43 2.28 -35.19
C ASN B 144 -10.69 0.98 -35.51
N PRO B 145 -10.57 0.06 -34.56
CA PRO B 145 -9.85 -1.18 -34.83
C PRO B 145 -10.71 -2.15 -35.63
N ASP B 146 -10.04 -3.14 -36.23
CA ASP B 146 -10.73 -4.14 -37.04
C ASP B 146 -11.33 -5.24 -36.17
N THR B 147 -10.48 -6.11 -35.63
CA THR B 147 -10.92 -7.28 -34.89
C THR B 147 -10.40 -7.21 -33.45
N VAL B 148 -10.85 -8.17 -32.65
CA VAL B 148 -10.35 -8.29 -31.29
C VAL B 148 -8.88 -8.68 -31.29
N GLU B 149 -8.47 -9.53 -32.22
CA GLU B 149 -7.06 -9.92 -32.30
C GLU B 149 -6.18 -8.73 -32.67
N SER B 150 -6.60 -7.95 -33.67
CA SER B 150 -5.81 -6.79 -34.08
C SER B 150 -5.74 -5.76 -32.97
N PHE B 151 -6.88 -5.46 -32.36
CA PHE B 151 -6.86 -4.47 -31.28
C PHE B 151 -6.11 -4.99 -30.06
N MET B 152 -6.10 -6.29 -29.84
CA MET B 152 -5.32 -6.84 -28.74
C MET B 152 -3.83 -6.69 -29.01
N GLN B 153 -3.42 -6.86 -30.27
CA GLN B 153 -2.04 -6.58 -30.62
C GLN B 153 -1.71 -5.11 -30.40
N THR B 154 -2.62 -4.22 -30.81
CA THR B 154 -2.41 -2.79 -30.59
C THR B 154 -2.33 -2.46 -29.10
N PHE B 155 -3.15 -3.13 -28.30
CA PHE B 155 -3.22 -2.90 -26.86
C PHE B 155 -1.95 -3.41 -26.17
N LEU B 156 -1.42 -4.55 -26.62
CA LEU B 156 -0.18 -5.04 -26.05
C LEU B 156 1.05 -4.32 -26.59
N ASP B 157 0.91 -3.61 -27.72
CA ASP B 157 1.97 -2.75 -28.23
C ASP B 157 1.90 -1.33 -27.69
N GLY B 158 0.92 -1.03 -26.83
CA GLY B 158 0.82 0.29 -26.26
C GLY B 158 0.44 1.38 -27.23
N ASP B 159 -0.05 1.02 -28.42
CA ASP B 159 -0.43 1.98 -29.44
C ASP B 159 -1.87 2.48 -29.25
N VAL B 160 -2.19 2.90 -28.02
CA VAL B 160 -3.46 3.51 -27.68
C VAL B 160 -3.21 4.64 -26.70
N VAL B 161 -4.25 5.45 -26.46
CA VAL B 161 -4.15 6.48 -25.43
C VAL B 161 -3.94 5.82 -24.10
N GLY B 162 -2.94 6.29 -23.36
CA GLY B 162 -2.54 5.66 -22.11
C GLY B 162 -1.38 4.69 -22.25
N SER B 163 -1.05 4.29 -23.47
CA SER B 163 -0.01 3.31 -23.76
C SER B 163 -0.21 1.96 -23.09
N LEU B 164 0.89 1.31 -22.68
CA LEU B 164 0.82 -0.05 -22.18
C LEU B 164 0.20 -0.11 -20.80
N TRP B 165 -0.79 -0.99 -20.61
CA TRP B 165 -1.45 -1.12 -19.32
C TRP B 165 -0.48 -1.56 -18.22
N PHE B 166 0.33 -2.59 -18.49
CA PHE B 166 1.31 -3.03 -17.51
C PHE B 166 2.22 -1.88 -17.10
N ASP B 167 2.71 -1.12 -18.09
CA ASP B 167 3.59 0.01 -17.79
C ASP B 167 2.89 1.03 -16.89
N HIS B 168 1.63 1.33 -17.18
CA HIS B 168 0.89 2.31 -16.41
C HIS B 168 0.75 1.88 -14.96
N ILE B 169 0.23 0.67 -14.74
CA ILE B 169 -0.03 0.22 -13.38
C ILE B 169 1.29 0.02 -12.62
N ARG B 170 2.36 -0.38 -13.31
CA ARG B 170 3.65 -0.53 -12.66
C ARG B 170 4.24 0.83 -12.26
N GLY B 171 4.27 1.77 -13.19
CA GLY B 171 4.79 3.09 -12.88
C GLY B 171 4.02 3.78 -11.78
N TRP B 172 2.74 3.48 -11.63
CA TRP B 172 1.99 4.06 -10.52
C TRP B 172 2.10 3.26 -9.23
N TYR B 173 2.46 1.97 -9.30
CA TYR B 173 2.66 1.17 -8.10
C TYR B 173 4.12 1.14 -7.66
N GLU B 174 5.05 0.94 -8.60
CA GLU B 174 6.47 0.89 -8.25
C GLU B 174 7.02 2.29 -7.97
N HIS B 175 6.12 3.23 -7.69
CA HIS B 175 6.44 4.56 -7.23
C HIS B 175 5.44 4.98 -6.12
N ARG B 176 4.95 4.00 -5.37
CA ARG B 176 3.95 4.23 -4.32
C ARG B 176 4.32 5.37 -3.39
N HIS B 177 5.43 5.19 -2.66
CA HIS B 177 5.74 6.04 -1.52
C HIS B 177 6.06 7.48 -1.91
N ASP B 178 6.10 7.78 -3.20
CA ASP B 178 6.24 9.16 -3.63
C ASP B 178 4.92 9.91 -3.61
N PHE B 179 3.80 9.22 -3.35
CA PHE B 179 2.48 9.84 -3.38
C PHE B 179 1.66 9.36 -2.20
N ASN B 180 0.65 10.16 -1.86
CA ASN B 180 -0.40 9.76 -0.93
C ASN B 180 -1.50 9.12 -1.77
N ILE B 181 -1.50 7.79 -1.84
CA ILE B 181 -2.26 7.08 -2.86
C ILE B 181 -3.02 5.92 -2.23
N MET B 182 -4.10 5.52 -2.91
CA MET B 182 -4.88 4.34 -2.56
C MET B 182 -5.22 3.58 -3.83
N PHE B 183 -5.22 2.25 -3.74
CA PHE B 183 -5.53 1.38 -4.87
C PHE B 183 -6.84 0.67 -4.60
N MET B 184 -7.69 0.58 -5.64
CA MET B 184 -9.00 -0.04 -5.51
C MET B 184 -9.42 -0.56 -6.87
N SER B 185 -10.01 -1.75 -6.89
CA SER B 185 -10.33 -2.38 -8.15
C SER B 185 -11.77 -2.10 -8.57
N PHE B 186 -11.95 -1.98 -9.89
CA PHE B 186 -13.28 -1.98 -10.49
C PHE B 186 -14.12 -3.12 -9.95
N GLU B 187 -13.54 -4.32 -9.87
CA GLU B 187 -14.32 -5.49 -9.44
C GLU B 187 -14.66 -5.44 -7.97
N ASP B 188 -13.84 -4.78 -7.14
CA ASP B 188 -14.22 -4.60 -5.74
C ASP B 188 -15.44 -3.71 -5.61
N MET B 189 -15.52 -2.65 -6.41
CA MET B 189 -16.68 -1.76 -6.37
C MET B 189 -17.90 -2.41 -7.00
N LYS B 190 -17.68 -3.31 -7.96
CA LYS B 190 -18.79 -4.07 -8.51
C LYS B 190 -19.30 -5.08 -7.49
N LYS B 191 -18.41 -5.67 -6.70
CA LYS B 191 -18.80 -6.72 -5.77
C LYS B 191 -19.42 -6.15 -4.49
N ASP B 192 -18.83 -5.09 -3.93
CA ASP B 192 -19.37 -4.45 -2.73
C ASP B 192 -19.17 -2.94 -2.87
N LEU B 193 -20.16 -2.27 -3.45
CA LEU B 193 -20.04 -0.84 -3.71
C LEU B 193 -20.07 -0.03 -2.41
N ARG B 194 -20.83 -0.48 -1.41
CA ARG B 194 -20.88 0.30 -0.18
C ARG B 194 -19.57 0.25 0.57
N SER B 195 -18.99 -0.93 0.77
CA SER B 195 -17.70 -0.99 1.44
C SER B 195 -16.64 -0.23 0.66
N SER B 196 -16.75 -0.23 -0.68
CA SER B 196 -15.83 0.56 -1.48
C SER B 196 -16.00 2.05 -1.21
N VAL B 197 -17.25 2.54 -1.17
CA VAL B 197 -17.50 3.93 -0.83
C VAL B 197 -16.93 4.26 0.54
N LEU B 198 -17.09 3.35 1.50
CA LEU B 198 -16.60 3.60 2.86
C LEU B 198 -15.08 3.68 2.88
N LYS B 199 -14.40 2.78 2.15
CA LYS B 199 -12.96 2.84 2.04
C LYS B 199 -12.52 4.17 1.44
N ILE B 200 -13.22 4.62 0.40
CA ILE B 200 -12.89 5.90 -0.24
C ILE B 200 -13.06 7.05 0.75
N CYS B 201 -14.15 7.01 1.53
CA CYS B 201 -14.42 8.10 2.46
C CYS B 201 -13.41 8.14 3.59
N SER B 202 -12.97 6.97 4.07
CA SER B 202 -11.94 6.96 5.10
C SER B 202 -10.59 7.41 4.53
N PHE B 203 -10.31 7.07 3.28
CA PHE B 203 -9.05 7.49 2.67
C PHE B 203 -9.01 9.00 2.47
N LEU B 204 -10.13 9.62 2.10
CA LEU B 204 -10.21 11.05 1.86
C LEU B 204 -10.54 11.85 3.11
N GLU B 205 -10.65 11.18 4.27
CA GLU B 205 -10.95 11.84 5.54
C GLU B 205 -12.23 12.66 5.48
N LYS B 206 -13.22 12.16 4.74
CA LYS B 206 -14.52 12.79 4.60
C LYS B 206 -15.53 11.94 5.36
N GLU B 207 -16.26 12.57 6.30
CA GLU B 207 -17.24 11.86 7.10
C GLU B 207 -18.63 12.05 6.47
N LEU B 208 -19.42 10.97 6.48
CA LEU B 208 -20.75 10.98 5.90
C LEU B 208 -21.67 10.10 6.73
N SER B 209 -22.88 10.59 6.97
CA SER B 209 -23.90 9.82 7.66
C SER B 209 -24.32 8.60 6.83
N GLU B 210 -24.96 7.65 7.50
CA GLU B 210 -25.44 6.45 6.81
C GLU B 210 -26.41 6.79 5.68
N GLU B 211 -27.27 7.79 5.90
CA GLU B 211 -28.22 8.18 4.86
C GLU B 211 -27.53 8.82 3.67
N ASP B 212 -26.34 9.38 3.85
CA ASP B 212 -25.59 9.91 2.72
C ASP B 212 -24.91 8.79 1.93
N VAL B 213 -24.30 7.83 2.64
CA VAL B 213 -23.71 6.68 1.96
C VAL B 213 -24.77 5.91 1.18
N ASP B 214 -26.00 5.85 1.71
CA ASP B 214 -27.08 5.20 0.99
C ASP B 214 -27.33 5.88 -0.35
N ALA B 215 -27.34 7.22 -0.36
CA ALA B 215 -27.56 7.93 -1.62
C ALA B 215 -26.39 7.77 -2.57
N VAL B 216 -25.15 7.76 -2.05
CA VAL B 216 -23.98 7.55 -2.89
C VAL B 216 -24.05 6.20 -3.58
N VAL B 217 -24.31 5.15 -2.80
CA VAL B 217 -24.42 3.80 -3.37
C VAL B 217 -25.59 3.72 -4.33
N ARG B 218 -26.71 4.37 -3.98
CA ARG B 218 -27.89 4.34 -4.84
CA ARG B 218 -27.89 4.34 -4.84
C ARG B 218 -27.58 4.92 -6.22
N GLN B 219 -27.07 6.14 -6.26
CA GLN B 219 -26.82 6.81 -7.52
C GLN B 219 -25.53 6.37 -8.20
N ALA B 220 -24.71 5.52 -7.56
CA ALA B 220 -23.51 5.01 -8.20
C ALA B 220 -23.68 3.62 -8.82
N THR B 221 -24.80 2.95 -8.55
CA THR B 221 -25.10 1.65 -9.16
C THR B 221 -25.26 1.81 -10.67
N PHE B 222 -24.91 0.74 -11.40
CA PHE B 222 -24.78 0.82 -12.86
C PHE B 222 -26.04 1.38 -13.51
N GLN B 223 -27.20 0.79 -13.22
CA GLN B 223 -28.43 1.19 -13.92
C GLN B 223 -28.85 2.61 -13.55
N LYS B 224 -28.85 2.91 -12.25
CA LYS B 224 -29.23 4.25 -11.80
C LYS B 224 -28.30 5.30 -12.38
N MET B 225 -26.99 5.02 -12.38
CA MET B 225 -26.03 5.96 -12.94
C MET B 225 -26.18 6.07 -14.46
N LYS B 226 -26.52 4.97 -15.12
CA LYS B 226 -26.72 4.98 -16.57
C LYS B 226 -27.91 5.84 -16.94
N ALA B 227 -28.95 5.84 -16.11
CA ALA B 227 -30.11 6.70 -16.35
C ALA B 227 -29.89 8.15 -15.93
N ASP B 228 -28.67 8.50 -15.52
CA ASP B 228 -28.38 9.84 -15.00
C ASP B 228 -27.58 10.63 -16.03
N PRO B 229 -28.16 11.65 -16.67
CA PRO B 229 -27.42 12.39 -17.70
C PRO B 229 -26.23 13.16 -17.16
N ARG B 230 -26.24 13.52 -15.89
CA ARG B 230 -25.08 14.18 -15.29
C ARG B 230 -23.85 13.29 -15.28
N ALA B 231 -24.04 11.97 -15.35
CA ALA B 231 -22.96 11.02 -15.17
C ALA B 231 -22.82 9.99 -16.28
N ASN B 232 -23.82 9.82 -17.15
CA ASN B 232 -23.73 8.78 -18.18
C ASN B 232 -22.97 9.22 -19.41
N TYR B 233 -22.61 10.50 -19.53
CA TYR B 233 -21.79 11.07 -20.60
C TYR B 233 -22.45 11.04 -21.97
N GLU B 234 -23.74 10.68 -22.04
CA GLU B 234 -24.43 10.62 -23.33
C GLU B 234 -24.37 11.96 -24.05
N HIS B 235 -24.76 13.03 -23.34
CA HIS B 235 -24.72 14.36 -23.92
C HIS B 235 -23.30 14.77 -24.27
N ILE B 236 -22.31 14.28 -23.52
CA ILE B 236 -20.93 14.70 -23.73
C ILE B 236 -20.31 13.95 -24.91
N ILE B 237 -20.69 12.70 -25.14
CA ILE B 237 -20.09 11.95 -26.23
C ILE B 237 -20.82 12.20 -27.55
N LYS B 238 -22.15 12.31 -27.53
CA LYS B 238 -22.85 12.41 -28.81
C LYS B 238 -22.84 13.82 -29.36
N ASP B 239 -22.79 14.84 -28.49
CA ASP B 239 -22.91 16.24 -28.89
C ASP B 239 -21.61 17.03 -28.82
N GLU B 240 -20.57 16.50 -28.18
CA GLU B 240 -19.32 17.24 -28.06
C GLU B 240 -18.12 16.50 -28.61
N LEU B 241 -18.02 15.20 -28.35
CA LEU B 241 -16.90 14.41 -28.84
C LEU B 241 -17.19 13.67 -30.13
N GLY B 242 -18.46 13.42 -30.43
CA GLY B 242 -18.85 12.78 -31.67
C GLY B 242 -18.74 11.28 -31.63
N THR B 243 -19.84 10.59 -31.91
CA THR B 243 -19.89 9.14 -31.95
C THR B 243 -20.13 8.67 -33.38
N ARG B 244 -19.69 7.44 -33.67
CA ARG B 244 -19.84 6.92 -35.02
C ARG B 244 -21.24 6.40 -35.29
N ASN B 245 -21.88 5.83 -34.28
CA ASN B 245 -23.25 5.33 -34.40
C ASN B 245 -24.07 5.83 -33.21
N GLU B 246 -25.33 5.42 -33.18
CA GLU B 246 -26.28 5.91 -32.18
C GLU B 246 -26.49 4.92 -31.03
N MET B 247 -26.39 3.63 -31.28
CA MET B 247 -26.74 2.63 -30.27
C MET B 247 -25.70 2.56 -29.16
N GLY B 248 -24.45 2.98 -29.43
CA GLY B 248 -23.38 2.88 -28.46
C GLY B 248 -23.59 3.79 -27.27
N SER B 249 -22.98 3.41 -26.15
CA SER B 249 -23.06 4.18 -24.91
C SER B 249 -21.76 4.06 -24.14
N PHE B 250 -21.54 5.00 -23.23
CA PHE B 250 -20.34 4.96 -22.39
C PHE B 250 -20.45 3.86 -21.36
N LEU B 251 -21.55 3.81 -20.61
CA LEU B 251 -21.83 2.68 -19.73
C LEU B 251 -22.43 1.60 -20.60
N ARG B 252 -21.56 0.74 -21.14
CA ARG B 252 -22.01 -0.30 -22.06
C ARG B 252 -22.68 -1.45 -21.31
N LYS B 253 -21.90 -2.26 -20.61
CA LYS B 253 -22.46 -3.37 -19.84
C LYS B 253 -22.09 -3.31 -18.36
N GLY B 254 -20.87 -2.91 -18.03
CA GLY B 254 -20.45 -2.84 -16.65
C GLY B 254 -20.32 -4.17 -15.94
N VAL B 255 -19.97 -5.23 -16.66
CA VAL B 255 -19.95 -6.56 -16.08
C VAL B 255 -18.53 -7.10 -16.03
N VAL B 256 -18.24 -7.85 -14.98
CA VAL B 256 -16.95 -8.50 -14.80
C VAL B 256 -17.00 -9.88 -15.43
N GLY B 257 -16.03 -10.19 -16.28
CA GLY B 257 -15.94 -11.48 -16.92
C GLY B 257 -16.45 -11.52 -18.34
N ALA B 258 -16.90 -10.39 -18.89
CA ALA B 258 -17.38 -10.36 -20.26
C ALA B 258 -16.30 -10.77 -21.25
N TRP B 259 -15.04 -10.51 -20.92
CA TRP B 259 -13.94 -10.83 -21.82
C TRP B 259 -13.95 -12.30 -22.24
N LYS B 260 -14.47 -13.18 -21.38
CA LYS B 260 -14.47 -14.61 -21.69
C LYS B 260 -15.29 -14.93 -22.94
N HIS B 261 -16.18 -14.02 -23.36
CA HIS B 261 -16.96 -14.19 -24.57
C HIS B 261 -16.26 -13.66 -25.82
N TYR B 262 -15.10 -13.02 -25.65
CA TYR B 262 -14.38 -12.46 -26.79
C TYR B 262 -13.03 -13.10 -27.05
N LEU B 263 -12.31 -13.51 -26.01
CA LEU B 263 -10.99 -14.08 -26.19
C LEU B 263 -11.07 -15.58 -26.37
N THR B 264 -10.30 -16.09 -27.32
CA THR B 264 -10.12 -17.53 -27.41
C THR B 264 -9.18 -17.99 -26.30
N VAL B 265 -9.13 -19.30 -26.10
CA VAL B 265 -8.24 -19.84 -25.09
C VAL B 265 -6.79 -19.51 -25.42
N ASP B 266 -6.44 -19.50 -26.71
CA ASP B 266 -5.06 -19.20 -27.10
C ASP B 266 -4.72 -17.74 -26.79
N GLN B 267 -5.59 -16.81 -27.21
CA GLN B 267 -5.39 -15.42 -26.84
C GLN B 267 -5.31 -15.25 -25.34
N SER B 268 -6.19 -15.94 -24.60
CA SER B 268 -6.23 -15.78 -23.15
C SER B 268 -4.96 -16.27 -22.50
N GLU B 269 -4.42 -17.41 -22.97
CA GLU B 269 -3.20 -17.95 -22.38
C GLU B 269 -1.98 -17.15 -22.77
N ARG B 270 -1.95 -16.56 -23.97
CA ARG B 270 -0.86 -15.64 -24.29
C ARG B 270 -0.90 -14.43 -23.38
N PHE B 271 -2.09 -13.87 -23.18
CA PHE B 271 -2.25 -12.75 -22.26
C PHE B 271 -1.80 -13.14 -20.86
N ASP B 272 -2.20 -14.33 -20.40
CA ASP B 272 -1.82 -14.80 -19.08
C ASP B 272 -0.31 -14.93 -18.95
N LYS B 273 0.35 -15.39 -20.01
CA LYS B 273 1.81 -15.42 -19.99
C LYS B 273 2.39 -14.02 -19.77
N ILE B 274 1.93 -13.04 -20.56
CA ILE B 274 2.49 -11.69 -20.46
C ILE B 274 2.17 -11.08 -19.09
N PHE B 275 0.95 -11.29 -18.62
CA PHE B 275 0.52 -10.78 -17.32
C PHE B 275 1.30 -11.42 -16.18
N HIS B 276 1.52 -12.74 -16.24
CA HIS B 276 2.27 -13.41 -15.20
C HIS B 276 3.73 -13.01 -15.22
N ARG B 277 4.26 -12.63 -16.38
CA ARG B 277 5.60 -12.07 -16.42
C ARG B 277 5.63 -10.69 -15.75
N ASN B 278 4.68 -9.82 -16.07
CA ASN B 278 4.74 -8.44 -15.59
C ASN B 278 4.31 -8.27 -14.14
N MET B 279 3.38 -9.08 -13.66
CA MET B 279 2.75 -8.86 -12.36
C MET B 279 3.14 -9.92 -11.33
N LYS B 280 4.36 -10.47 -11.46
CA LYS B 280 4.84 -11.44 -10.47
C LYS B 280 4.81 -10.86 -9.07
N ASN B 281 5.23 -9.60 -8.93
CA ASN B 281 5.49 -8.97 -7.64
C ASN B 281 4.54 -7.81 -7.39
N ILE B 282 3.28 -7.97 -7.80
CA ILE B 282 2.24 -7.00 -7.47
C ILE B 282 1.15 -7.76 -6.72
N PRO B 283 1.01 -7.55 -5.41
CA PRO B 283 0.08 -8.37 -4.62
C PRO B 283 -1.38 -7.96 -4.71
N LEU B 284 -1.70 -6.91 -5.47
CA LEU B 284 -3.09 -6.56 -5.74
C LEU B 284 -3.79 -7.74 -6.42
N LYS B 285 -4.73 -8.39 -5.72
CA LYS B 285 -5.39 -9.53 -6.32
C LYS B 285 -6.46 -9.06 -7.30
N PHE B 286 -6.43 -9.62 -8.50
CA PHE B 286 -7.37 -9.27 -9.55
C PHE B 286 -8.52 -10.24 -9.59
N ILE B 287 -9.70 -9.73 -9.95
CA ILE B 287 -10.91 -10.53 -10.13
C ILE B 287 -11.20 -10.59 -11.62
N TRP B 288 -11.47 -11.79 -12.13
CA TRP B 288 -11.64 -11.97 -13.57
C TRP B 288 -13.06 -12.32 -13.98
N ASP B 289 -13.91 -12.76 -13.06
CA ASP B 289 -15.25 -13.17 -13.42
C ASP B 289 -16.13 -13.05 -12.19
N ILE B 290 -17.44 -13.03 -12.42
CA ILE B 290 -18.39 -12.97 -11.33
C ILE B 290 -19.51 -13.99 -11.54
#